data_6YN3
#
_entry.id   6YN3
#
_cell.length_a   70.773
_cell.length_b   71.377
_cell.length_c   72.729
_cell.angle_alpha   90.000
_cell.angle_beta   100.700
_cell.angle_gamma   90.000
#
_symmetry.space_group_name_H-M   'C 1 2 1'
#
loop_
_entity.id
_entity.type
_entity.pdbx_description
1 polymer Prothrombin
2 polymer Prothrombin
3 polymer 'Hirudin variant-2'
4 non-polymer 'PHOSPHATE ION'
5 non-polymer 'SODIUM ION'
6 non-polymer 2-acetamido-2-deoxy-beta-D-glucopyranose
7 non-polymer 'DIMETHYL SULFOXIDE'
8 non-polymer 4-HYDROXYBENZAMIDE
9 water water
#
loop_
_entity_poly.entity_id
_entity_poly.type
_entity_poly.pdbx_seq_one_letter_code
_entity_poly.pdbx_strand_id
1 'polypeptide(L)' TFGSGEADCGLRPLFEKKSLEDKTERELLESYIDGR L
2 'polypeptide(L)'
;IVEGSDAEIGMSPWQVMLFRKSPQELLCGASLISDRWVLTAAHCLLYPPWDKNFTENDLLVRIGKHSRTRYERNIEKISM
LEKIYIHPRYNWRENLDRDIALMKLKKPVAFSDYIHPVCLPDRETAASLLQAGYKGRVTGWGNLKETWTANVGKGQPSVL
QVVNLPIVERPVCKDSTRIRITDNMFCAGYKPDEGKRGDACEGDSGGPFVMKSPFNNRWYQMGIVSWGEGCDRDGKYGFY
THVFRLKKWIQKVIDQFGE
;
H
3 'polypeptide(L)' GDFEEIPEE(TYS)LQ I
#
# COMPACT_ATOMS: atom_id res chain seq x y z
N GLU A 6 11.74 4.81 13.08
CA GLU A 6 10.72 5.87 12.91
C GLU A 6 11.37 7.24 12.79
N ALA A 7 12.48 7.45 13.50
CA ALA A 7 13.17 8.73 13.43
C ALA A 7 13.50 9.09 11.97
N ASP A 8 13.98 8.12 11.19
N ASP A 8 13.89 8.09 11.19
CA ASP A 8 14.30 8.39 9.78
CA ASP A 8 14.32 8.26 9.82
C ASP A 8 13.26 7.80 8.82
C ASP A 8 13.25 7.85 8.82
N CYS A 9 12.02 7.66 9.29
CA CYS A 9 10.98 7.16 8.40
C CYS A 9 10.82 8.07 7.19
N GLY A 10 10.45 7.46 6.07
CA GLY A 10 10.05 8.24 4.91
C GLY A 10 11.18 8.92 4.17
N LEU A 11 12.43 8.65 4.52
CA LEU A 11 13.59 9.21 3.84
C LEU A 11 14.28 8.04 3.15
N ARG A 12 14.21 8.00 1.82
CA ARG A 12 14.68 6.81 1.10
C ARG A 12 16.20 6.82 0.95
N PRO A 13 16.87 5.70 1.26
CA PRO A 13 18.34 5.65 1.10
C PRO A 13 18.83 6.06 -0.28
N LEU A 14 18.14 5.67 -1.34
CA LEU A 14 18.63 5.95 -2.68
C LEU A 14 18.10 7.24 -3.26
N PHE A 15 17.32 8.01 -2.48
CA PHE A 15 16.75 9.27 -2.98
C PHE A 15 16.99 10.37 -1.96
N GLU A 16 16.08 10.57 -1.01
CA GLU A 16 16.24 11.69 -0.09
C GLU A 16 17.59 11.66 0.63
N LYS A 17 18.05 10.48 1.04
CA LYS A 17 19.27 10.41 1.83
C LYS A 17 20.48 10.89 1.05
N LYS A 18 20.44 10.79 -0.28
CA LYS A 18 21.52 11.20 -1.18
C LYS A 18 21.19 12.48 -1.94
N SER A 19 20.05 13.11 -1.62
CA SER A 19 19.56 14.27 -2.35
C SER A 19 19.41 13.99 -3.85
N LEU A 20 18.85 12.83 -4.20
CA LEU A 20 18.46 12.52 -5.57
C LEU A 20 16.94 12.45 -5.63
N GLU A 21 16.36 12.94 -6.72
CA GLU A 21 14.92 12.92 -6.91
C GLU A 21 14.54 11.80 -7.86
N ASP A 22 13.39 11.17 -7.60
CA ASP A 22 12.85 10.18 -8.53
C ASP A 22 12.18 10.90 -9.69
N LYS A 23 11.83 10.11 -10.71
CA LYS A 23 11.45 10.69 -11.99
C LYS A 23 10.09 11.38 -11.96
N THR A 24 9.23 11.09 -10.97
CA THR A 24 7.89 11.67 -10.99
C THR A 24 7.47 12.34 -9.68
N GLU A 25 8.35 12.45 -8.69
CA GLU A 25 7.91 13.07 -7.44
C GLU A 25 7.56 14.54 -7.64
N ARG A 26 8.16 15.20 -8.63
CA ARG A 26 7.81 16.59 -8.90
C ARG A 26 6.33 16.74 -9.25
N GLU A 27 5.75 15.74 -9.92
CA GLU A 27 4.32 15.77 -10.21
C GLU A 27 3.49 15.91 -8.94
N LEU A 28 3.89 15.18 -7.88
CA LEU A 28 3.19 15.32 -6.62
C LEU A 28 3.34 16.73 -6.07
N LEU A 29 4.56 17.24 -6.03
CA LEU A 29 4.80 18.55 -5.46
C LEU A 29 3.98 19.61 -6.18
N GLU A 30 3.94 19.56 -7.50
CA GLU A 30 3.22 20.54 -8.28
C GLU A 30 1.72 20.51 -7.99
N SER A 31 1.19 19.40 -7.50
CA SER A 31 -0.22 19.31 -7.16
C SER A 31 -0.53 19.88 -5.79
N TYR A 32 0.48 20.16 -4.96
CA TYR A 32 0.26 20.62 -3.59
C TYR A 32 0.21 22.15 -3.65
N ILE A 33 -0.92 22.66 -4.14
CA ILE A 33 -1.08 24.07 -4.43
C ILE A 33 -1.68 24.75 -3.19
N ILE B 1 -1.31 -2.59 -11.08
CA ILE B 1 -1.43 -1.17 -11.37
C ILE B 1 -1.72 -1.01 -12.87
N VAL B 2 -2.77 -0.27 -13.20
CA VAL B 2 -3.15 0.03 -14.58
C VAL B 2 -2.60 1.39 -14.97
N GLU B 3 -1.95 1.47 -16.14
CA GLU B 3 -1.47 2.72 -16.71
C GLU B 3 -0.41 3.39 -15.83
N GLY B 4 0.37 2.58 -15.13
CA GLY B 4 1.52 3.05 -14.39
C GLY B 4 2.79 2.81 -15.16
N SER B 5 3.92 2.88 -14.45
CA SER B 5 5.22 2.65 -15.07
C SER B 5 6.08 1.85 -14.11
N ASP B 6 7.21 1.36 -14.62
CA ASP B 6 8.12 0.60 -13.78
C ASP B 6 8.70 1.50 -12.69
N ALA B 7 8.75 0.98 -11.47
CA ALA B 7 9.41 1.71 -10.39
C ALA B 7 10.91 1.79 -10.66
N GLU B 8 11.52 2.86 -10.13
CA GLU B 8 12.96 2.91 -10.03
C GLU B 8 13.43 2.04 -8.87
N ILE B 9 14.69 1.61 -8.93
CA ILE B 9 15.27 0.83 -7.84
C ILE B 9 15.25 1.67 -6.57
N GLY B 10 14.74 1.08 -5.49
CA GLY B 10 14.69 1.78 -4.21
C GLY B 10 13.67 2.89 -4.14
N MET B 11 12.75 2.98 -5.11
CA MET B 11 11.79 4.08 -5.12
C MET B 11 10.74 3.95 -4.03
N SER B 12 10.45 2.72 -3.60
CA SER B 12 9.38 2.45 -2.63
C SER B 12 9.89 1.41 -1.66
N PRO B 13 10.89 1.78 -0.83
CA PRO B 13 11.59 0.76 -0.03
C PRO B 13 10.77 0.23 1.12
N TRP B 14 9.60 0.82 1.36
CA TRP B 14 8.62 0.32 2.32
C TRP B 14 7.64 -0.68 1.69
N GLN B 15 7.79 -0.96 0.40
N GLN B 15 7.73 -0.94 0.38
CA GLN B 15 6.89 -1.89 -0.26
CA GLN B 15 6.76 -1.82 -0.24
C GLN B 15 7.05 -3.28 0.34
C GLN B 15 7.00 -3.27 0.20
N VAL B 16 5.92 -3.95 0.57
CA VAL B 16 5.95 -5.33 1.04
C VAL B 16 5.02 -6.15 0.17
N MET B 17 5.45 -7.37 -0.13
CA MET B 17 4.62 -8.34 -0.84
C MET B 17 4.13 -9.36 0.19
N LEU B 18 2.80 -9.52 0.29
CA LEU B 18 2.20 -10.61 1.05
C LEU B 18 2.15 -11.82 0.13
N PHE B 19 2.77 -12.91 0.56
CA PHE B 19 3.02 -14.07 -0.29
C PHE B 19 2.44 -15.31 0.37
N ARG B 20 1.61 -16.03 -0.36
N ARG B 20 1.60 -16.03 -0.35
CA ARG B 20 1.06 -17.29 0.13
CA ARG B 20 1.05 -17.28 0.15
C ARG B 20 2.12 -18.37 0.06
C ARG B 20 2.12 -18.36 0.07
N LYS B 21 2.21 -19.19 1.12
CA LYS B 21 3.23 -20.23 1.14
C LYS B 21 2.90 -21.36 0.19
N SER B 22 1.64 -21.74 0.10
CA SER B 22 1.26 -22.93 -0.65
C SER B 22 -0.20 -22.83 -1.08
N PRO B 23 -0.49 -22.67 -2.38
CA PRO B 23 0.46 -22.49 -3.48
C PRO B 23 1.23 -21.18 -3.33
N GLN B 24 2.47 -21.14 -3.82
CA GLN B 24 3.27 -19.92 -3.75
C GLN B 24 2.69 -18.89 -4.72
N GLU B 25 2.12 -17.81 -4.19
CA GLU B 25 1.51 -16.82 -5.07
C GLU B 25 1.41 -15.47 -4.36
N LEU B 26 1.31 -14.42 -5.17
CA LEU B 26 1.10 -13.08 -4.62
C LEU B 26 -0.30 -13.01 -4.03
N LEU B 27 -0.40 -12.52 -2.79
CA LEU B 27 -1.72 -12.31 -2.21
C LEU B 27 -2.15 -10.86 -2.20
N CYS B 28 -1.24 -9.94 -1.92
CA CYS B 28 -1.60 -8.56 -1.70
C CYS B 28 -0.31 -7.77 -1.55
N GLY B 29 -0.46 -6.45 -1.56
CA GLY B 29 0.59 -5.56 -1.10
C GLY B 29 0.45 -5.25 0.38
N ALA B 30 1.43 -4.52 0.89
CA ALA B 30 1.55 -4.17 2.30
C ALA B 30 2.67 -3.14 2.38
N SER B 31 2.90 -2.61 3.58
CA SER B 31 3.96 -1.63 3.75
C SER B 31 4.68 -1.82 5.08
N LEU B 32 5.95 -1.43 5.08
CA LEU B 32 6.80 -1.52 6.26
C LEU B 32 6.73 -0.22 7.03
N ILE B 33 6.28 -0.28 8.29
CA ILE B 33 6.19 0.92 9.13
C ILE B 33 7.19 0.94 10.27
N SER B 34 7.90 -0.15 10.53
CA SER B 34 8.98 -0.21 11.50
C SER B 34 9.74 -1.49 11.20
N ASP B 35 10.77 -1.80 12.00
CA ASP B 35 11.53 -3.02 11.72
C ASP B 35 10.75 -4.29 12.06
N ARG B 36 9.59 -4.18 12.72
CA ARG B 36 8.84 -5.37 13.13
C ARG B 36 7.36 -5.33 12.74
N TRP B 37 6.89 -4.26 12.10
CA TRP B 37 5.46 -4.11 11.84
C TRP B 37 5.19 -3.79 10.37
N VAL B 38 4.19 -4.49 9.82
CA VAL B 38 3.77 -4.34 8.44
C VAL B 38 2.28 -4.03 8.44
N LEU B 39 1.90 -3.06 7.62
CA LEU B 39 0.52 -2.59 7.50
C LEU B 39 -0.08 -3.10 6.19
N THR B 40 -1.33 -3.54 6.24
CA THR B 40 -2.03 -4.00 5.04
C THR B 40 -3.53 -3.76 5.19
N ALA B 41 -4.29 -4.22 4.20
CA ALA B 41 -5.73 -4.19 4.25
C ALA B 41 -6.26 -5.44 4.93
N ALA B 42 -7.26 -5.26 5.80
CA ALA B 42 -7.87 -6.40 6.48
C ALA B 42 -8.41 -7.43 5.48
N HIS B 43 -8.98 -6.98 4.37
CA HIS B 43 -9.60 -7.93 3.45
C HIS B 43 -8.58 -8.81 2.75
N CYS B 44 -7.29 -8.45 2.80
CA CYS B 44 -6.23 -9.32 2.30
C CYS B 44 -6.07 -10.56 3.15
N LEU B 45 -6.51 -10.50 4.40
CA LEU B 45 -6.35 -11.59 5.35
C LEU B 45 -7.67 -12.22 5.74
N LEU B 46 -8.76 -11.47 5.74
CA LEU B 46 -10.03 -11.94 6.25
C LEU B 46 -11.13 -11.43 5.34
N TYR B 47 -11.79 -12.33 4.62
CA TYR B 47 -12.93 -11.98 3.78
C TYR B 47 -13.83 -13.20 3.67
N PRO B 48 -14.72 -13.38 4.64
CA PRO B 48 -15.51 -14.61 4.72
C PRO B 48 -16.38 -14.88 3.50
N PRO B 49 -16.86 -13.86 2.78
CA PRO B 49 -17.68 -14.16 1.59
C PRO B 49 -16.95 -15.02 0.57
N TRP B 50 -15.61 -14.95 0.54
CA TRP B 50 -14.78 -15.72 -0.36
C TRP B 50 -14.03 -16.83 0.37
N ASP B 51 -14.48 -17.18 1.57
CA ASP B 51 -13.86 -18.23 2.37
C ASP B 51 -12.39 -17.94 2.63
N LYS B 52 -12.06 -16.67 2.80
CA LYS B 52 -10.69 -16.25 3.06
C LYS B 52 -10.52 -15.93 4.54
N ASN B 53 -9.61 -16.65 5.21
CA ASN B 53 -9.30 -16.40 6.60
C ASN B 53 -7.91 -16.95 6.90
N PHE B 54 -6.88 -16.19 6.53
CA PHE B 54 -5.52 -16.67 6.64
C PHE B 54 -5.04 -16.60 8.08
N THR B 55 -4.23 -17.59 8.45
CA THR B 55 -3.53 -17.60 9.72
C THR B 55 -2.08 -17.20 9.50
N GLU B 56 -1.38 -16.91 10.59
CA GLU B 56 0.01 -16.48 10.48
C GLU B 56 0.84 -17.47 9.68
N ASN B 57 0.66 -18.78 9.92
CA ASN B 57 1.52 -19.77 9.28
C ASN B 57 1.23 -19.95 7.80
N ASP B 58 0.15 -19.36 7.28
CA ASP B 58 -0.16 -19.51 5.87
C ASP B 58 0.68 -18.60 4.98
N LEU B 59 1.34 -17.59 5.56
CA LEU B 59 1.81 -16.45 4.79
C LEU B 59 3.27 -16.14 5.08
N LEU B 60 3.89 -15.44 4.13
CA LEU B 60 5.19 -14.81 4.35
C LEU B 60 5.08 -13.36 3.87
N VAL B 61 5.97 -12.50 4.35
CA VAL B 61 6.13 -11.18 3.78
C VAL B 61 7.51 -11.10 3.13
N ARG B 62 7.55 -10.51 1.93
CA ARG B 62 8.79 -10.35 1.18
C ARG B 62 9.04 -8.85 1.04
N ILE B 63 10.18 -8.41 1.55
CA ILE B 63 10.51 -7.01 1.69
C ILE B 63 11.75 -6.70 0.86
N GLY B 64 11.77 -5.50 0.28
CA GLY B 64 12.89 -5.09 -0.52
C GLY B 64 12.83 -5.52 -1.96
N LYS B 65 11.67 -5.93 -2.45
CA LYS B 65 11.56 -6.51 -3.77
C LYS B 65 11.39 -5.46 -4.87
N HIS B 66 11.74 -5.88 -6.08
CA HIS B 66 11.52 -5.10 -7.29
C HIS B 66 10.85 -6.01 -8.31
N SER B 67 11.53 -7.08 -8.71
CA SER B 67 10.92 -8.08 -9.57
C SER B 67 9.72 -8.72 -8.87
N ARG B 68 8.65 -8.97 -9.63
CA ARG B 68 7.47 -9.64 -9.08
C ARG B 68 7.78 -11.11 -8.76
N THR B 69 8.31 -11.85 -9.73
CA THR B 69 8.35 -13.31 -9.61
C THR B 69 9.70 -13.88 -9.19
N ARG B 70 10.78 -13.12 -9.36
N ARG B 70 10.78 -13.13 -9.33
CA ARG B 70 12.12 -13.60 -9.06
CA ARG B 70 12.10 -13.68 -9.09
C ARG B 70 12.35 -13.66 -7.56
C ARG B 70 12.48 -13.59 -7.61
N TYR B 71 13.20 -14.60 -7.14
CA TYR B 71 13.76 -14.58 -5.80
C TYR B 71 15.02 -13.71 -5.86
N GLU B 72 14.95 -12.54 -5.22
CA GLU B 72 15.97 -11.49 -5.40
C GLU B 72 17.05 -11.67 -4.36
N ARG B 73 17.90 -12.66 -4.65
CA ARG B 73 18.96 -13.08 -3.75
C ARG B 73 19.86 -11.90 -3.40
N ASN B 74 20.16 -11.81 -2.10
CA ASN B 74 21.01 -10.80 -1.48
C ASN B 74 20.35 -9.43 -1.40
N ILE B 75 19.08 -9.31 -1.80
CA ILE B 75 18.38 -8.02 -1.84
C ILE B 75 17.10 -8.10 -1.02
N GLU B 76 16.18 -8.96 -1.44
CA GLU B 76 14.96 -9.07 -0.67
C GLU B 76 15.21 -9.85 0.61
N LYS B 77 14.30 -9.65 1.57
CA LYS B 77 14.30 -10.40 2.82
C LYS B 77 12.90 -10.95 3.05
N ILE B 78 12.83 -12.20 3.49
CA ILE B 78 11.58 -12.92 3.69
C ILE B 78 11.38 -13.12 5.19
N SER B 79 10.24 -12.70 5.69
CA SER B 79 9.95 -12.73 7.12
C SER B 79 8.71 -13.56 7.39
N MET B 80 8.73 -14.29 8.48
CA MET B 80 7.57 -15.02 8.99
C MET B 80 6.76 -14.11 9.90
N LEU B 81 5.47 -14.42 10.01
N LEU B 81 5.47 -14.42 10.01
CA LEU B 81 4.56 -13.63 10.82
CA LEU B 81 4.57 -13.62 10.82
C LEU B 81 4.47 -14.20 12.23
C LEU B 81 4.46 -14.20 12.23
N GLU B 82 4.56 -13.32 13.22
CA GLU B 82 4.28 -13.70 14.60
C GLU B 82 2.79 -13.62 14.90
N LYS B 83 2.13 -12.52 14.50
CA LYS B 83 0.74 -12.34 14.83
C LYS B 83 0.09 -11.36 13.88
N ILE B 84 -1.18 -11.64 13.52
CA ILE B 84 -2.03 -10.78 12.72
C ILE B 84 -3.00 -10.07 13.65
N TYR B 85 -3.23 -8.78 13.42
CA TYR B 85 -4.23 -8.00 14.14
C TYR B 85 -5.13 -7.33 13.12
N ILE B 86 -6.41 -7.69 13.15
N ILE B 86 -6.41 -7.66 13.14
CA ILE B 86 -7.44 -7.10 12.29
CA ILE B 86 -7.40 -7.06 12.26
C ILE B 86 -8.17 -6.04 13.10
C ILE B 86 -8.22 -6.07 13.07
N HIS B 87 -8.52 -4.93 12.46
CA HIS B 87 -9.31 -3.93 13.16
C HIS B 87 -10.60 -4.57 13.69
N PRO B 88 -10.94 -4.38 14.97
CA PRO B 88 -12.11 -5.09 15.54
C PRO B 88 -13.44 -4.65 14.93
N ARG B 89 -13.49 -3.51 14.25
CA ARG B 89 -14.70 -3.04 13.60
C ARG B 89 -14.55 -3.01 12.08
N TYR B 90 -13.59 -3.75 11.54
CA TYR B 90 -13.55 -3.99 10.10
C TYR B 90 -14.86 -4.61 9.64
N ASN B 91 -15.48 -3.98 8.65
CA ASN B 91 -16.81 -4.35 8.20
C ASN B 91 -16.70 -5.09 6.87
N TRP B 92 -16.49 -6.40 6.97
CA TRP B 92 -16.45 -7.23 5.78
C TRP B 92 -17.84 -7.59 5.29
N ARG B 93 -18.86 -7.40 6.12
N ARG B 93 -18.87 -7.37 6.10
CA ARG B 93 -20.21 -7.76 5.71
CA ARG B 93 -20.22 -7.75 5.72
C ARG B 93 -20.72 -6.82 4.62
C ARG B 93 -20.84 -6.79 4.72
N GLU B 94 -20.43 -5.51 4.74
CA GLU B 94 -21.07 -4.50 3.91
C GLU B 94 -20.09 -3.87 2.93
N ASN B 95 -19.23 -2.96 3.38
CA ASN B 95 -18.53 -2.05 2.49
C ASN B 95 -17.03 -1.95 2.75
N LEU B 96 -16.46 -2.87 3.52
CA LEU B 96 -15.04 -2.84 3.86
C LEU B 96 -14.66 -1.61 4.68
N ASP B 97 -15.58 -1.06 5.45
CA ASP B 97 -15.22 0.02 6.37
C ASP B 97 -14.12 -0.43 7.31
N ARG B 98 -13.16 0.45 7.56
CA ARG B 98 -12.03 0.18 8.46
C ARG B 98 -11.20 -1.00 7.96
N ASP B 99 -10.79 -0.92 6.69
CA ASP B 99 -10.12 -2.03 6.01
C ASP B 99 -8.62 -1.92 6.31
N ILE B 100 -8.23 -2.42 7.48
CA ILE B 100 -6.88 -2.21 7.98
C ILE B 100 -6.49 -3.38 8.88
N ALA B 101 -5.23 -3.78 8.76
CA ALA B 101 -4.66 -4.85 9.57
C ALA B 101 -3.18 -4.61 9.75
N LEU B 102 -2.66 -5.11 10.86
CA LEU B 102 -1.24 -5.08 11.15
C LEU B 102 -0.71 -6.50 11.27
N MET B 103 0.54 -6.68 10.87
CA MET B 103 1.23 -7.95 11.02
C MET B 103 2.55 -7.71 11.74
N LYS B 104 2.75 -8.40 12.86
CA LYS B 104 4.02 -8.34 13.58
C LYS B 104 4.93 -9.45 13.09
N LEU B 105 6.17 -9.09 12.76
CA LEU B 105 7.12 -10.06 12.25
C LEU B 105 7.77 -10.82 13.39
N LYS B 106 8.17 -12.06 13.11
CA LYS B 106 8.79 -12.88 14.14
C LYS B 106 10.13 -12.30 14.58
N LYS B 107 10.88 -11.72 13.66
CA LYS B 107 12.18 -11.13 13.95
C LYS B 107 12.25 -9.80 13.21
N PRO B 108 12.98 -8.83 13.72
CA PRO B 108 13.13 -7.56 12.99
C PRO B 108 13.87 -7.75 11.68
N VAL B 109 13.46 -6.98 10.68
CA VAL B 109 14.11 -6.97 9.37
C VAL B 109 15.21 -5.91 9.40
N ALA B 110 16.33 -6.22 8.74
CA ALA B 110 17.43 -5.30 8.62
C ALA B 110 17.13 -4.28 7.52
N PHE B 111 17.25 -3.00 7.85
CA PHE B 111 17.07 -1.97 6.83
C PHE B 111 18.29 -1.97 5.90
N SER B 112 18.08 -1.43 4.71
CA SER B 112 19.10 -1.43 3.67
C SER B 112 18.73 -0.34 2.67
N ASP B 113 19.49 -0.27 1.57
CA ASP B 113 19.12 0.65 0.50
C ASP B 113 17.75 0.34 -0.09
N TYR B 114 17.28 -0.90 0.07
CA TYR B 114 16.06 -1.38 -0.56
C TYR B 114 14.92 -1.58 0.44
N ILE B 115 15.20 -1.46 1.72
CA ILE B 115 14.27 -1.79 2.80
C ILE B 115 14.30 -0.64 3.80
N HIS B 116 13.19 0.08 3.92
CA HIS B 116 13.17 1.26 4.79
C HIS B 116 11.73 1.63 5.09
N PRO B 117 11.40 2.03 6.32
CA PRO B 117 9.99 2.28 6.64
C PRO B 117 9.46 3.63 6.17
N VAL B 118 8.14 3.64 5.92
CA VAL B 118 7.40 4.85 5.60
C VAL B 118 6.89 5.46 6.89
N CYS B 119 6.62 6.77 6.86
CA CYS B 119 6.03 7.42 8.02
C CYS B 119 4.51 7.29 8.00
N LEU B 120 3.92 7.26 9.20
CA LEU B 120 2.48 7.41 9.30
C LEU B 120 2.14 8.85 9.59
N PRO B 121 1.05 9.37 9.05
CA PRO B 121 0.76 10.79 9.19
C PRO B 121 0.32 11.18 10.59
N ASP B 122 0.72 12.38 10.98
CA ASP B 122 0.14 13.12 12.09
C ASP B 122 -1.09 13.87 11.61
N ARG B 123 -1.86 14.39 12.57
CA ARG B 123 -3.10 15.10 12.23
C ARG B 123 -2.83 16.26 11.29
N GLU B 124 -1.75 17.00 11.52
CA GLU B 124 -1.49 18.21 10.74
C GLU B 124 -1.06 17.86 9.31
N THR B 125 -0.21 16.86 9.14
CA THR B 125 0.14 16.45 7.79
C THR B 125 -1.08 15.91 7.04
N ALA B 126 -1.93 15.14 7.73
CA ALA B 126 -3.14 14.65 7.07
C ALA B 126 -4.05 15.81 6.66
N ALA B 127 -4.28 16.76 7.58
CA ALA B 127 -5.16 17.87 7.25
C ALA B 127 -4.61 18.68 6.09
N SER B 128 -3.29 18.86 6.05
N SER B 128 -3.29 18.85 6.04
CA SER B 128 -2.70 19.68 5.00
CA SER B 128 -2.69 19.69 5.01
C SER B 128 -2.75 18.99 3.64
C SER B 128 -2.70 19.00 3.64
N LEU B 129 -2.50 17.68 3.61
CA LEU B 129 -2.30 17.00 2.33
C LEU B 129 -3.51 16.26 1.78
N LEU B 130 -4.48 15.88 2.61
CA LEU B 130 -5.65 15.13 2.12
C LEU B 130 -6.70 16.09 1.56
N GLN B 131 -6.36 16.68 0.43
CA GLN B 131 -7.22 17.66 -0.22
C GLN B 131 -7.46 17.24 -1.65
N ALA B 132 -8.67 17.50 -2.16
CA ALA B 132 -8.99 17.17 -3.53
C ALA B 132 -7.98 17.83 -4.47
N GLY B 133 -7.50 17.08 -5.45
CA GLY B 133 -6.53 17.54 -6.41
C GLY B 133 -5.09 17.24 -6.03
N TYR B 134 -4.80 17.12 -4.75
CA TYR B 134 -3.45 16.74 -4.35
C TYR B 134 -3.18 15.29 -4.71
N LYS B 135 -1.99 15.02 -5.23
CA LYS B 135 -1.68 13.69 -5.74
C LYS B 135 -0.90 12.86 -4.75
N GLY B 136 -1.24 11.58 -4.68
CA GLY B 136 -0.46 10.57 -4.00
C GLY B 136 0.04 9.55 -5.01
N ARG B 137 0.75 8.56 -4.48
CA ARG B 137 1.40 7.55 -5.30
C ARG B 137 1.01 6.17 -4.80
N VAL B 138 0.64 5.30 -5.75
CA VAL B 138 0.23 3.94 -5.46
C VAL B 138 1.21 3.00 -6.16
N THR B 139 1.60 1.94 -5.46
CA THR B 139 2.58 0.99 -5.99
C THR B 139 2.10 -0.43 -5.74
N GLY B 140 2.47 -1.34 -6.63
CA GLY B 140 2.11 -2.73 -6.42
C GLY B 140 2.49 -3.59 -7.60
N TRP B 141 2.31 -4.90 -7.39
CA TRP B 141 2.59 -5.91 -8.39
C TRP B 141 1.31 -6.52 -8.96
N GLY B 142 0.18 -5.85 -8.78
CA GLY B 142 -1.08 -6.35 -9.26
C GLY B 142 -1.20 -6.27 -10.76
N ASN B 143 -2.37 -6.70 -11.24
CA ASN B 143 -2.60 -6.82 -12.67
C ASN B 143 -2.53 -5.47 -13.36
N LEU B 144 -2.10 -5.51 -14.63
CA LEU B 144 -1.94 -4.34 -15.45
C LEU B 144 -3.23 -3.90 -16.14
N LYS B 145 -4.26 -4.76 -16.13
CA LYS B 145 -5.54 -4.45 -16.75
C LYS B 145 -6.63 -5.20 -16.01
N GLU B 146 -7.86 -4.68 -16.08
CA GLU B 146 -8.96 -5.37 -15.43
C GLU B 146 -9.18 -6.75 -16.03
N THR B 147 -9.14 -6.85 -17.36
CA THR B 147 -9.51 -8.09 -18.05
C THR B 147 -8.43 -8.52 -19.03
N GLY B 155 -0.56 -8.94 -19.02
CA GLY B 155 -1.48 -8.96 -17.90
C GLY B 155 -0.85 -8.68 -16.56
N GLN B 156 0.35 -9.22 -16.32
CA GLN B 156 1.01 -9.08 -15.02
C GLN B 156 2.42 -8.54 -15.17
N PRO B 157 2.87 -7.70 -14.24
CA PRO B 157 4.12 -6.97 -14.47
C PRO B 157 5.35 -7.78 -14.15
N SER B 158 6.44 -7.44 -14.85
CA SER B 158 7.75 -7.99 -14.51
C SER B 158 8.27 -7.40 -13.21
N VAL B 159 8.08 -6.09 -12.99
CA VAL B 159 8.62 -5.41 -11.82
C VAL B 159 7.54 -4.50 -11.22
N LEU B 160 7.81 -4.05 -10.00
CA LEU B 160 6.91 -3.17 -9.28
C LEU B 160 6.47 -2.00 -10.15
N GLN B 161 5.17 -1.69 -10.09
CA GLN B 161 4.56 -0.61 -10.84
C GLN B 161 4.19 0.56 -9.93
N VAL B 162 4.19 1.74 -10.51
N VAL B 162 4.19 1.76 -10.51
CA VAL B 162 3.95 2.99 -9.80
CA VAL B 162 3.95 2.99 -9.77
C VAL B 162 2.97 3.83 -10.63
C VAL B 162 3.05 3.91 -10.60
N VAL B 163 2.08 4.53 -9.94
CA VAL B 163 1.21 5.50 -10.59
C VAL B 163 0.87 6.60 -9.59
N ASN B 164 0.88 7.84 -10.06
CA ASN B 164 0.49 8.98 -9.24
C ASN B 164 -0.95 9.35 -9.59
N LEU B 165 -1.78 9.57 -8.57
CA LEU B 165 -3.20 9.82 -8.77
C LEU B 165 -3.72 10.91 -7.85
N PRO B 166 -4.64 11.75 -8.33
CA PRO B 166 -5.17 12.82 -7.47
C PRO B 166 -6.30 12.35 -6.57
N ILE B 167 -6.31 12.89 -5.35
CA ILE B 167 -7.43 12.70 -4.44
C ILE B 167 -8.65 13.39 -5.02
N VAL B 168 -9.82 12.77 -4.85
CA VAL B 168 -11.06 13.25 -5.45
C VAL B 168 -11.99 13.79 -4.37
N GLU B 169 -12.73 14.84 -4.73
CA GLU B 169 -13.72 15.43 -3.85
C GLU B 169 -14.70 14.37 -3.36
N ARG B 170 -15.05 14.44 -2.07
CA ARG B 170 -15.89 13.40 -1.50
C ARG B 170 -17.24 13.25 -2.19
N PRO B 171 -17.94 14.32 -2.59
CA PRO B 171 -19.21 14.12 -3.31
C PRO B 171 -19.06 13.37 -4.61
N VAL B 172 -17.95 13.58 -5.32
CA VAL B 172 -17.69 12.84 -6.57
C VAL B 172 -17.43 11.37 -6.26
N CYS B 173 -16.63 11.09 -5.24
CA CYS B 173 -16.47 9.70 -4.81
C CYS B 173 -17.83 9.04 -4.55
N LYS B 174 -18.66 9.70 -3.76
CA LYS B 174 -19.95 9.11 -3.38
C LYS B 174 -20.84 8.91 -4.60
N ASP B 175 -20.84 9.87 -5.52
CA ASP B 175 -21.73 9.82 -6.67
C ASP B 175 -21.25 8.86 -7.76
N SER B 176 -20.09 8.23 -7.57
CA SER B 176 -19.56 7.30 -8.55
C SER B 176 -19.98 5.86 -8.29
N THR B 177 -20.68 5.60 -7.18
CA THR B 177 -20.89 4.24 -6.72
C THR B 177 -22.19 4.15 -5.95
N ARG B 178 -22.71 2.92 -5.86
CA ARG B 178 -23.86 2.65 -5.01
C ARG B 178 -23.45 2.23 -3.60
N ILE B 179 -22.17 1.94 -3.38
CA ILE B 179 -21.68 1.54 -2.07
C ILE B 179 -21.70 2.74 -1.12
N ARG B 180 -22.02 2.47 0.14
CA ARG B 180 -21.97 3.50 1.17
C ARG B 180 -20.53 3.83 1.53
N ILE B 181 -20.12 5.06 1.27
CA ILE B 181 -18.77 5.53 1.56
C ILE B 181 -18.75 6.12 2.97
N THR B 182 -17.69 5.82 3.72
CA THR B 182 -17.55 6.33 5.08
C THR B 182 -16.35 7.27 5.19
N ASP B 183 -16.29 7.93 6.35
CA ASP B 183 -15.18 8.81 6.68
C ASP B 183 -13.85 8.06 6.80
N ASN B 184 -13.87 6.74 6.91
CA ASN B 184 -12.64 5.97 6.97
C ASN B 184 -12.14 5.57 5.59
N MET B 185 -12.72 6.15 4.54
CA MET B 185 -12.28 5.93 3.18
C MET B 185 -12.06 7.27 2.50
N PHE B 186 -11.16 7.27 1.51
CA PHE B 186 -11.12 8.36 0.54
C PHE B 186 -10.93 7.72 -0.83
N CYS B 187 -11.20 8.49 -1.89
CA CYS B 187 -11.02 7.97 -3.23
C CYS B 187 -10.07 8.84 -4.04
N ALA B 188 -9.47 8.21 -5.05
CA ALA B 188 -8.47 8.87 -5.88
C ALA B 188 -8.53 8.31 -7.29
N GLY B 189 -8.09 9.14 -8.23
CA GLY B 189 -8.10 8.79 -9.63
C GLY B 189 -8.48 9.98 -10.49
N TYR B 190 -8.24 9.87 -11.78
CA TYR B 190 -8.60 10.94 -12.70
C TYR B 190 -10.06 10.82 -13.10
N LYS B 191 -10.65 11.97 -13.41
CA LYS B 191 -12.01 12.01 -13.93
C LYS B 191 -11.99 11.73 -15.43
N PRO B 192 -13.12 11.28 -16.00
CA PRO B 192 -13.13 11.04 -17.45
C PRO B 192 -12.62 12.21 -18.28
N ASP B 193 -12.97 13.45 -17.90
CA ASP B 193 -12.58 14.61 -18.70
C ASP B 193 -11.13 15.04 -18.50
N GLU B 194 -10.40 14.42 -17.56
CA GLU B 194 -9.04 14.82 -17.26
C GLU B 194 -8.01 14.18 -18.20
N GLY B 195 -8.40 13.22 -19.03
CA GLY B 195 -7.49 12.63 -19.99
C GLY B 195 -6.63 11.51 -19.44
N LYS B 196 -5.84 11.82 -18.43
CA LYS B 196 -4.94 10.84 -17.84
C LYS B 196 -5.74 9.74 -17.14
N ARG B 197 -5.06 8.62 -16.89
CA ARG B 197 -5.72 7.43 -16.37
C ARG B 197 -4.84 6.80 -15.30
N GLY B 198 -5.28 5.67 -14.77
CA GLY B 198 -4.50 4.98 -13.76
C GLY B 198 -5.34 4.51 -12.59
N ASP B 199 -4.99 3.35 -12.04
CA ASP B 199 -5.73 2.78 -10.91
C ASP B 199 -4.91 1.64 -10.36
N ALA B 200 -5.22 1.26 -9.14
CA ALA B 200 -4.81 -0.05 -8.65
C ALA B 200 -5.63 -1.13 -9.34
N CYS B 201 -5.20 -2.38 -9.20
CA CYS B 201 -5.98 -3.50 -9.71
C CYS B 201 -5.73 -4.73 -8.85
N GLU B 202 -6.25 -5.87 -9.27
CA GLU B 202 -6.20 -7.06 -8.44
C GLU B 202 -4.75 -7.45 -8.16
N GLY B 203 -4.44 -7.65 -6.87
CA GLY B 203 -3.11 -7.90 -6.41
C GLY B 203 -2.45 -6.70 -5.76
N ASP B 204 -2.99 -5.50 -5.99
CA ASP B 204 -2.43 -4.30 -5.39
C ASP B 204 -3.05 -3.97 -4.04
N SER B 205 -4.20 -4.56 -3.71
CA SER B 205 -4.86 -4.28 -2.44
C SER B 205 -3.89 -4.48 -1.29
N GLY B 206 -4.03 -3.65 -0.25
CA GLY B 206 -3.17 -3.69 0.90
C GLY B 206 -1.91 -2.86 0.79
N GLY B 207 -1.52 -2.47 -0.42
CA GLY B 207 -0.37 -1.63 -0.60
C GLY B 207 -0.65 -0.19 -0.28
N PRO B 208 0.41 0.62 -0.36
CA PRO B 208 0.32 1.99 0.16
C PRO B 208 -0.03 3.05 -0.88
N PHE B 209 -0.81 4.05 -0.44
CA PHE B 209 -0.97 5.33 -1.12
C PHE B 209 -0.15 6.33 -0.32
N VAL B 210 0.91 6.84 -0.92
CA VAL B 210 1.86 7.70 -0.21
C VAL B 210 1.87 9.10 -0.79
N MET B 211 2.27 10.08 0.04
CA MET B 211 2.44 11.46 -0.37
C MET B 211 3.74 11.97 0.23
N LYS B 212 4.44 12.82 -0.50
CA LYS B 212 5.71 13.37 -0.03
C LYS B 212 5.44 14.76 0.56
N SER B 213 5.61 14.89 1.86
CA SER B 213 5.30 16.15 2.50
C SER B 213 6.21 17.25 1.95
N PRO B 214 5.66 18.37 1.48
CA PRO B 214 6.52 19.48 1.05
C PRO B 214 7.08 20.27 2.22
N PHE B 215 6.63 19.97 3.45
CA PHE B 215 7.10 20.67 4.64
C PHE B 215 8.40 20.08 5.16
N ASN B 216 8.53 18.76 5.16
CA ASN B 216 9.72 18.12 5.71
C ASN B 216 10.34 17.10 4.75
N ASN B 217 9.81 16.98 3.54
CA ASN B 217 10.40 16.15 2.48
C ASN B 217 10.48 14.67 2.85
N ARG B 218 9.53 14.22 3.67
CA ARG B 218 9.39 12.82 4.04
C ARG B 218 8.14 12.22 3.41
N TRP B 219 8.19 10.93 3.10
CA TRP B 219 7.04 10.20 2.58
C TRP B 219 6.16 9.68 3.71
N TYR B 220 4.86 9.93 3.57
CA TYR B 220 3.83 9.51 4.50
C TYR B 220 2.83 8.61 3.82
N GLN B 221 2.41 7.57 4.52
CA GLN B 221 1.37 6.68 4.00
C GLN B 221 0.01 7.21 4.44
N MET B 222 -0.72 7.78 3.49
CA MET B 222 -2.05 8.33 3.77
C MET B 222 -3.16 7.32 3.57
N GLY B 223 -2.95 6.33 2.70
CA GLY B 223 -4.00 5.39 2.36
C GLY B 223 -3.48 3.99 2.23
N ILE B 224 -4.42 3.04 2.29
CA ILE B 224 -4.17 1.64 1.97
C ILE B 224 -5.10 1.30 0.82
N VAL B 225 -4.57 0.67 -0.23
CA VAL B 225 -5.42 0.25 -1.34
C VAL B 225 -6.50 -0.69 -0.81
N SER B 226 -7.76 -0.30 -0.95
CA SER B 226 -8.87 -1.04 -0.33
C SER B 226 -9.80 -1.70 -1.34
N TRP B 227 -10.45 -0.93 -2.22
CA TRP B 227 -11.41 -1.54 -3.13
C TRP B 227 -11.67 -0.65 -4.33
N GLY B 228 -12.18 -1.28 -5.39
CA GLY B 228 -12.58 -0.55 -6.57
C GLY B 228 -13.59 -1.40 -7.31
N GLU B 229 -14.32 -0.78 -8.20
CA GLU B 229 -15.30 -1.47 -9.04
C GLU B 229 -14.65 -1.59 -10.41
N GLY B 230 -14.11 -2.79 -10.68
CA GLY B 230 -13.27 -2.98 -11.84
C GLY B 230 -11.93 -2.33 -11.58
N CYS B 231 -11.21 -2.06 -12.66
CA CYS B 231 -9.93 -1.33 -12.59
C CYS B 231 -9.87 -0.30 -13.71
N ASP B 232 -9.55 0.94 -13.35
CA ASP B 232 -9.35 2.02 -14.32
C ASP B 232 -10.56 2.25 -15.22
N ARG B 233 -11.76 2.08 -14.67
CA ARG B 233 -12.96 2.37 -15.44
C ARG B 233 -13.26 3.87 -15.42
N ASP B 234 -13.70 4.40 -16.57
CA ASP B 234 -14.13 5.79 -16.61
C ASP B 234 -15.27 6.01 -15.63
N GLY B 235 -15.16 7.05 -14.81
CA GLY B 235 -16.19 7.40 -13.86
C GLY B 235 -16.17 6.64 -12.56
N LYS B 236 -15.27 5.66 -12.42
CA LYS B 236 -15.04 4.96 -11.18
C LYS B 236 -13.72 5.49 -10.61
N TYR B 237 -13.54 5.27 -9.31
CA TYR B 237 -12.36 5.70 -8.57
C TYR B 237 -11.89 4.55 -7.69
N GLY B 238 -10.62 4.59 -7.31
CA GLY B 238 -10.10 3.66 -6.34
C GLY B 238 -10.39 4.19 -4.94
N PHE B 239 -10.72 3.26 -4.03
CA PHE B 239 -11.00 3.61 -2.65
C PHE B 239 -9.90 3.10 -1.74
N TYR B 240 -9.53 3.95 -0.77
CA TYR B 240 -8.37 3.77 0.08
C TYR B 240 -8.77 3.95 1.53
N THR B 241 -8.24 3.09 2.38
CA THR B 241 -8.41 3.24 3.82
C THR B 241 -7.70 4.51 4.28
N HIS B 242 -8.40 5.31 5.07
CA HIS B 242 -7.91 6.59 5.60
C HIS B 242 -7.03 6.27 6.80
N VAL B 243 -5.71 6.20 6.57
CA VAL B 243 -4.79 5.72 7.61
C VAL B 243 -4.86 6.63 8.84
N PHE B 244 -4.87 7.95 8.64
CA PHE B 244 -4.85 8.80 9.82
C PHE B 244 -6.07 8.55 10.71
N ARG B 245 -7.25 8.38 10.09
CA ARG B 245 -8.47 8.21 10.89
C ARG B 245 -8.39 6.98 11.78
N LEU B 246 -7.58 5.98 11.41
CA LEU B 246 -7.46 4.74 12.14
C LEU B 246 -6.14 4.66 12.91
N LYS B 247 -5.40 5.77 12.98
CA LYS B 247 -4.08 5.70 13.58
C LYS B 247 -4.12 5.42 15.08
N LYS B 248 -5.18 5.85 15.78
CA LYS B 248 -5.25 5.56 17.20
C LYS B 248 -5.29 4.05 17.44
N TRP B 249 -5.99 3.32 16.57
CA TRP B 249 -5.98 1.86 16.68
C TRP B 249 -4.59 1.30 16.40
N ILE B 250 -3.93 1.81 15.35
CA ILE B 250 -2.58 1.35 15.03
C ILE B 250 -1.68 1.51 16.26
N GLN B 251 -1.70 2.70 16.87
CA GLN B 251 -0.83 2.98 17.99
C GLN B 251 -1.19 2.10 19.19
N LYS B 252 -2.48 1.86 19.40
CA LYS B 252 -2.90 0.98 20.50
C LYS B 252 -2.32 -0.41 20.33
N VAL B 253 -2.37 -0.95 19.11
CA VAL B 253 -1.84 -2.30 18.86
C VAL B 253 -0.34 -2.34 19.09
N ILE B 254 0.38 -1.37 18.51
CA ILE B 254 1.83 -1.36 18.66
C ILE B 254 2.21 -1.14 20.12
N ASP B 255 1.48 -0.27 20.82
CA ASP B 255 1.82 0.01 22.22
C ASP B 255 1.56 -1.20 23.12
N GLN B 256 0.48 -1.95 22.87
CA GLN B 256 0.15 -3.08 23.73
C GLN B 256 0.98 -4.30 23.37
N PHE B 257 1.19 -4.54 22.08
CA PHE B 257 1.86 -5.75 21.61
C PHE B 257 3.24 -5.43 21.03
N ASP C 2 4.99 -19.92 -11.88
CA ASP C 2 5.15 -18.52 -12.23
C ASP C 2 6.21 -17.82 -11.37
N PHE C 3 6.19 -18.11 -10.08
CA PHE C 3 7.18 -17.56 -9.16
C PHE C 3 8.37 -18.49 -9.01
N GLU C 4 9.56 -17.89 -8.94
CA GLU C 4 10.75 -18.66 -8.65
C GLU C 4 10.68 -19.21 -7.23
N GLU C 5 11.10 -20.46 -7.07
CA GLU C 5 11.07 -21.10 -5.76
C GLU C 5 11.89 -20.26 -4.78
N ILE C 6 11.36 -20.10 -3.58
CA ILE C 6 12.11 -19.38 -2.54
C ILE C 6 12.89 -20.40 -1.74
N PRO C 7 13.95 -20.00 -1.03
CA PRO C 7 14.72 -20.96 -0.25
C PRO C 7 13.85 -21.72 0.74
N GLU C 8 14.18 -23.01 0.92
CA GLU C 8 13.37 -23.87 1.77
C GLU C 8 13.32 -23.36 3.21
N GLU C 9 14.37 -22.69 3.67
CA GLU C 9 14.41 -22.24 5.05
C GLU C 9 13.19 -21.39 5.42
N LEU C 11 10.24 -21.78 4.33
CA LEU C 11 9.04 -22.62 4.41
C LEU C 11 9.19 -23.56 5.60
#